data_8S6J
#
_entry.id   8S6J
#
_cell.length_a   109.17
_cell.length_b   109.17
_cell.length_c   208.925
_cell.angle_alpha   90
_cell.angle_beta   90
_cell.angle_gamma   90
#
_symmetry.space_group_name_H-M   'I 4 2 2'
#
loop_
_entity.id
_entity.type
_entity.pdbx_description
1 polymer 'Ion transport protein'
2 non-polymer 'SODIUM ION'
3 non-polymer 6-(trifluoromethoxy)-1,3-benzothiazol-2-amine
4 non-polymer HEGA-10
5 non-polymer 1-(2-METHOXY-ETHOXY)-2-{2-[2-(2-METHOXY-ETHOXY]-ETHOXY}-ETHANE
6 non-polymer 'CHLORIDE ION'
7 water water
#
_entity_poly.entity_id   1
_entity_poly.type   'polypeptide(L)'
_entity_poly.pdbx_seq_one_letter_code
;GSHMSRKIRDLIESKRFQNVITAIIVLNGAVLGLLTDTTLSASSQNLLERVDQLCLTIFIVEISLKIYAYGVRGFFRSGW
NLFDFVIVAIALMPAQGSLSVLRTFRIFRVMRLVSVIPTMRRVVQGMLLALPGVGSVAALLTVVFYIAAVMATNLYGATF
PEWFGDLSKSLYTLFQVMTLESWSMGIVRPVMNVHPNAWVFFIPFIMLTTLTVLNLFIGIIVDAMAITKEQEEEAKTGHH
QEPISQTLLHLGDRLDRIEKQLAQNNELLQRQQPQKK
;
_entity_poly.pdbx_strand_id   A
#
loop_
_chem_comp.id
_chem_comp.type
_chem_comp.name
_chem_comp.formula
2CV non-polymer HEGA-10 'C18 H37 N O7'
657 non-polymer 6-(trifluoromethoxy)-1,3-benzothiazol-2-amine 'C8 H5 F3 N2 O S'
CL non-polymer 'CHLORIDE ION' 'Cl -1'
NA non-polymer 'SODIUM ION' 'Na 1'
PG6 non-polymer 1-(2-METHOXY-ETHOXY)-2-{2-[2-(2-METHOXY-ETHOXY]-ETHOXY}-ETHANE 'C12 H26 O6'
#
# COMPACT_ATOMS: atom_id res chain seq x y z
N SER A 2 -21.42 4.21 -33.55
CA SER A 2 -22.06 5.51 -33.87
C SER A 2 -21.15 6.68 -33.44
N HIS A 3 -20.06 6.40 -32.69
CA HIS A 3 -19.33 7.42 -31.94
C HIS A 3 -17.81 7.16 -31.88
N MET A 4 -17.04 8.26 -31.94
CA MET A 4 -15.60 8.25 -31.75
C MET A 4 -15.31 7.80 -30.30
N SER A 5 -15.75 8.61 -29.33
CA SER A 5 -15.63 8.33 -27.90
CA SER A 5 -15.63 8.33 -27.91
C SER A 5 -15.81 6.84 -27.60
N ARG A 6 -16.92 6.26 -28.08
CA ARG A 6 -17.22 4.87 -27.80
C ARG A 6 -16.17 3.93 -28.39
N LYS A 7 -15.61 4.26 -29.55
CA LYS A 7 -14.64 3.36 -30.18
C LYS A 7 -13.27 3.45 -29.47
N ILE A 8 -13.01 4.57 -28.76
CA ILE A 8 -11.75 4.81 -28.10
C ILE A 8 -11.75 4.04 -26.78
N ARG A 9 -12.78 4.27 -25.94
CA ARG A 9 -13.09 3.48 -24.75
C ARG A 9 -12.97 1.98 -25.02
N ASP A 10 -13.36 1.53 -26.21
CA ASP A 10 -13.25 0.12 -26.53
C ASP A 10 -11.79 -0.29 -26.71
N LEU A 11 -10.96 0.67 -27.14
CA LEU A 11 -9.54 0.48 -27.37
C LEU A 11 -8.81 0.44 -26.01
N ILE A 12 -8.94 1.53 -25.24
CA ILE A 12 -8.55 1.72 -23.87
C ILE A 12 -8.83 0.45 -23.07
N GLU A 13 -10.04 -0.10 -23.17
CA GLU A 13 -10.47 -1.20 -22.33
C GLU A 13 -10.11 -2.54 -22.93
N SER A 14 -9.43 -2.55 -24.08
CA SER A 14 -9.03 -3.86 -24.59
C SER A 14 -7.90 -4.46 -23.74
N LYS A 15 -7.66 -5.77 -23.95
CA LYS A 15 -6.58 -6.51 -23.34
C LYS A 15 -5.25 -6.18 -24.03
N ARG A 16 -5.28 -5.92 -25.35
CA ARG A 16 -4.08 -5.57 -26.10
C ARG A 16 -3.53 -4.20 -25.69
N PHE A 17 -4.43 -3.23 -25.43
CA PHE A 17 -3.98 -1.90 -25.08
C PHE A 17 -3.27 -1.93 -23.73
N GLN A 18 -3.87 -2.67 -22.77
CA GLN A 18 -3.35 -2.86 -21.43
C GLN A 18 -1.95 -3.47 -21.51
N ASN A 19 -1.80 -4.56 -22.25
CA ASN A 19 -0.52 -5.21 -22.51
C ASN A 19 0.51 -4.21 -23.04
N VAL A 20 0.04 -3.21 -23.79
CA VAL A 20 1.00 -2.35 -24.45
C VAL A 20 1.49 -1.32 -23.45
N ILE A 21 0.58 -0.81 -22.60
CA ILE A 21 0.91 0.17 -21.59
C ILE A 21 1.79 -0.48 -20.49
N THR A 22 1.52 -1.74 -20.14
CA THR A 22 2.28 -2.57 -19.23
C THR A 22 3.71 -2.67 -19.75
N ALA A 23 3.85 -2.99 -21.05
CA ALA A 23 5.15 -3.12 -21.70
C ALA A 23 5.92 -1.80 -21.66
N ILE A 24 5.19 -0.67 -21.68
CA ILE A 24 5.90 0.61 -21.68
C ILE A 24 6.35 0.99 -20.27
N ILE A 25 5.58 0.56 -19.24
CA ILE A 25 5.91 0.81 -17.84
C ILE A 25 7.20 0.03 -17.53
N VAL A 26 7.21 -1.24 -17.90
CA VAL A 26 8.33 -2.14 -17.72
C VAL A 26 9.54 -1.53 -18.38
N LEU A 27 9.39 -1.09 -19.63
CA LEU A 27 10.52 -0.53 -20.33
C LEU A 27 10.97 0.75 -19.62
N ASN A 28 10.03 1.64 -19.26
CA ASN A 28 10.43 2.85 -18.56
C ASN A 28 11.23 2.41 -17.29
N GLY A 29 10.73 1.38 -16.59
CA GLY A 29 11.32 0.90 -15.37
C GLY A 29 12.74 0.36 -15.58
N ALA A 30 12.92 -0.48 -16.63
CA ALA A 30 14.21 -1.02 -17.01
C ALA A 30 15.20 0.09 -17.35
N VAL A 31 14.72 1.17 -17.98
CA VAL A 31 15.66 2.20 -18.36
C VAL A 31 16.08 3.00 -17.12
N LEU A 32 15.15 3.24 -16.20
CA LEU A 32 15.53 3.99 -15.02
C LEU A 32 16.50 3.16 -14.13
N GLY A 33 16.40 1.83 -14.19
CA GLY A 33 17.30 0.93 -13.52
C GLY A 33 18.72 1.04 -14.11
N LEU A 34 18.84 0.97 -15.45
CA LEU A 34 20.12 1.09 -16.15
C LEU A 34 20.77 2.42 -15.81
N LEU A 35 19.94 3.45 -15.65
CA LEU A 35 20.51 4.76 -15.35
C LEU A 35 21.13 4.88 -13.96
N THR A 36 20.94 3.86 -13.10
CA THR A 36 21.56 3.89 -11.77
C THR A 36 23.06 3.65 -11.94
N ASP A 37 23.40 2.84 -12.95
CA ASP A 37 24.76 2.50 -13.35
C ASP A 37 25.55 3.76 -13.68
N THR A 38 26.45 4.08 -12.75
CA THR A 38 27.18 5.34 -12.72
C THR A 38 28.33 5.34 -13.74
N THR A 39 28.77 4.12 -14.15
CA THR A 39 29.83 3.91 -15.13
C THR A 39 29.39 4.21 -16.59
N LEU A 40 28.15 4.66 -16.87
CA LEU A 40 27.64 4.68 -18.24
C LEU A 40 28.34 5.77 -19.05
N SER A 41 28.53 5.50 -20.37
CA SER A 41 29.04 6.52 -21.28
C SER A 41 28.00 7.65 -21.43
N ALA A 42 28.47 8.84 -21.82
CA ALA A 42 27.62 10.03 -21.94
C ALA A 42 26.52 9.77 -22.97
N SER A 43 26.84 8.95 -23.97
CA SER A 43 25.94 8.75 -25.09
C SER A 43 24.86 7.75 -24.69
N SER A 44 25.28 6.69 -23.98
CA SER A 44 24.37 5.74 -23.37
C SER A 44 23.37 6.45 -22.45
N GLN A 45 23.85 7.35 -21.61
CA GLN A 45 22.92 7.96 -20.67
C GLN A 45 21.89 8.75 -21.46
N ASN A 46 22.40 9.46 -22.49
CA ASN A 46 21.63 10.30 -23.39
C ASN A 46 20.53 9.47 -24.07
N LEU A 47 20.92 8.29 -24.58
CA LEU A 47 20.01 7.37 -25.22
C LEU A 47 18.86 7.00 -24.26
N LEU A 48 19.24 6.39 -23.13
CA LEU A 48 18.33 5.96 -22.08
C LEU A 48 17.40 7.11 -21.71
N GLU A 49 17.91 8.35 -21.66
CA GLU A 49 17.06 9.47 -21.24
C GLU A 49 16.00 9.76 -22.30
N ARG A 50 16.32 9.43 -23.57
CA ARG A 50 15.36 9.62 -24.65
C ARG A 50 14.28 8.54 -24.53
N VAL A 51 14.70 7.28 -24.30
CA VAL A 51 13.74 6.20 -24.08
C VAL A 51 12.74 6.55 -22.98
N ASP A 52 13.19 7.27 -21.96
CA ASP A 52 12.37 7.69 -20.84
C ASP A 52 11.37 8.76 -21.30
N GLN A 53 11.88 9.72 -22.10
CA GLN A 53 11.12 10.81 -22.70
C GLN A 53 9.96 10.26 -23.56
N LEU A 54 10.25 9.24 -24.38
CA LEU A 54 9.34 8.50 -25.22
C LEU A 54 8.26 7.82 -24.37
N CYS A 55 8.71 7.06 -23.36
CA CYS A 55 7.86 6.37 -22.41
C CYS A 55 6.94 7.41 -21.79
N LEU A 56 7.52 8.51 -21.34
CA LEU A 56 6.63 9.48 -20.71
C LEU A 56 5.60 10.02 -21.72
N THR A 57 5.98 10.10 -23.02
CA THR A 57 5.10 10.67 -24.03
C THR A 57 3.91 9.74 -24.27
N ILE A 58 4.20 8.47 -24.58
CA ILE A 58 3.19 7.43 -24.71
C ILE A 58 2.22 7.46 -23.53
N PHE A 59 2.69 7.89 -22.36
CA PHE A 59 1.84 7.95 -21.18
C PHE A 59 0.85 9.11 -21.30
N ILE A 60 1.29 10.25 -21.87
CA ILE A 60 0.43 11.43 -21.97
C ILE A 60 -0.68 11.22 -23.01
N VAL A 61 -0.36 10.49 -24.09
CA VAL A 61 -1.30 10.18 -25.15
C VAL A 61 -2.41 9.30 -24.55
N GLU A 62 -1.98 8.20 -23.92
CA GLU A 62 -2.81 7.31 -23.12
C GLU A 62 -3.76 8.08 -22.21
N ILE A 63 -3.23 8.98 -21.37
CA ILE A 63 -4.10 9.64 -20.39
C ILE A 63 -5.05 10.58 -21.13
N SER A 64 -4.55 11.19 -22.21
CA SER A 64 -5.35 12.08 -23.05
C SER A 64 -6.52 11.30 -23.63
N LEU A 65 -6.19 10.26 -24.41
CA LEU A 65 -7.18 9.32 -24.87
C LEU A 65 -8.25 9.12 -23.81
N LYS A 66 -7.82 8.97 -22.55
CA LYS A 66 -8.70 8.58 -21.48
C LYS A 66 -9.56 9.75 -21.03
N ILE A 67 -8.96 10.95 -20.92
CA ILE A 67 -9.75 12.04 -20.38
C ILE A 67 -10.81 12.41 -21.41
N TYR A 68 -10.45 12.28 -22.69
CA TYR A 68 -11.39 12.51 -23.77
C TYR A 68 -12.51 11.47 -23.68
N ALA A 69 -12.17 10.17 -23.84
CA ALA A 69 -13.16 9.10 -23.97
C ALA A 69 -14.09 8.93 -22.76
N TYR A 70 -13.98 9.76 -21.69
CA TYR A 70 -14.72 9.53 -20.44
C TYR A 70 -15.11 10.89 -19.88
N GLY A 71 -14.42 11.93 -20.37
CA GLY A 71 -14.69 13.30 -20.00
C GLY A 71 -14.07 13.62 -18.64
N VAL A 72 -13.69 14.89 -18.47
CA VAL A 72 -12.95 15.40 -17.32
C VAL A 72 -13.53 14.88 -16.01
N ARG A 73 -14.85 14.87 -15.86
CA ARG A 73 -15.43 14.61 -14.54
C ARG A 73 -15.51 13.11 -14.27
N GLY A 74 -15.53 12.29 -15.33
CA GLY A 74 -15.75 10.86 -15.18
C GLY A 74 -14.43 10.08 -15.05
N PHE A 75 -13.34 10.71 -15.51
CA PHE A 75 -12.00 10.15 -15.40
C PHE A 75 -11.53 10.38 -13.98
N PHE A 76 -11.59 11.65 -13.54
CA PHE A 76 -11.32 12.08 -12.18
C PHE A 76 -12.30 11.49 -11.18
N ARG A 77 -13.15 10.55 -11.62
CA ARG A 77 -14.05 9.89 -10.69
C ARG A 77 -13.30 8.77 -9.98
N SER A 78 -12.25 8.28 -10.65
CA SER A 78 -11.47 7.12 -10.24
C SER A 78 -10.15 7.54 -9.61
N GLY A 79 -9.91 7.05 -8.38
CA GLY A 79 -8.65 7.19 -7.65
C GLY A 79 -7.46 6.73 -8.48
N TRP A 80 -7.67 5.66 -9.25
CA TRP A 80 -6.58 5.10 -10.04
C TRP A 80 -6.23 6.00 -11.22
N ASN A 81 -7.26 6.60 -11.84
CA ASN A 81 -7.04 7.55 -12.92
C ASN A 81 -6.36 8.79 -12.34
N LEU A 82 -6.87 9.29 -11.21
CA LEU A 82 -6.25 10.40 -10.53
C LEU A 82 -4.77 10.10 -10.31
N PHE A 83 -4.50 8.92 -9.74
CA PHE A 83 -3.14 8.52 -9.42
C PHE A 83 -2.32 8.48 -10.70
N ASP A 84 -2.83 7.83 -11.76
CA ASP A 84 -2.15 7.77 -13.04
C ASP A 84 -1.85 9.18 -13.56
N PHE A 85 -2.75 10.11 -13.25
CA PHE A 85 -2.74 11.45 -13.82
C PHE A 85 -1.61 12.23 -13.15
N VAL A 86 -1.64 12.25 -11.82
CA VAL A 86 -0.61 12.91 -11.01
C VAL A 86 0.76 12.34 -11.39
N ILE A 87 0.92 11.01 -11.37
CA ILE A 87 2.22 10.41 -11.60
C ILE A 87 2.79 10.93 -12.93
N VAL A 88 1.89 11.15 -13.90
CA VAL A 88 2.37 11.46 -15.24
C VAL A 88 2.55 12.98 -15.34
N ALA A 89 1.65 13.71 -14.68
CA ALA A 89 1.61 15.15 -14.68
C ALA A 89 2.87 15.72 -14.04
N ILE A 90 3.25 15.18 -12.86
CA ILE A 90 4.29 15.83 -12.07
C ILE A 90 5.62 15.76 -12.81
N ALA A 91 5.81 14.72 -13.64
CA ALA A 91 6.94 14.59 -14.55
C ALA A 91 7.01 15.73 -15.56
N LEU A 92 5.91 16.47 -15.74
CA LEU A 92 5.88 17.67 -16.58
C LEU A 92 6.00 18.91 -15.71
N MET A 93 7.20 19.08 -15.13
CA MET A 93 7.59 20.17 -14.26
C MET A 93 9.12 20.08 -14.07
N PRO A 94 9.94 20.39 -15.12
CA PRO A 94 11.41 20.29 -15.02
C PRO A 94 12.09 21.15 -13.95
N ARG A 103 8.87 13.85 -7.93
CA ARG A 103 10.03 14.74 -8.13
C ARG A 103 11.19 13.98 -8.77
N THR A 104 12.27 13.71 -8.02
CA THR A 104 13.50 13.20 -8.61
C THR A 104 13.50 11.67 -8.65
N PHE A 105 12.53 11.07 -7.94
CA PHE A 105 12.14 9.67 -7.92
C PHE A 105 11.07 9.34 -8.98
N ARG A 106 11.47 9.52 -10.23
CA ARG A 106 10.78 9.07 -11.42
C ARG A 106 10.39 7.59 -11.33
N ILE A 107 11.17 6.77 -10.58
CA ILE A 107 11.00 5.32 -10.53
C ILE A 107 9.63 4.92 -9.94
N PHE A 108 9.03 5.84 -9.18
CA PHE A 108 7.67 5.65 -8.68
C PHE A 108 6.68 5.43 -9.83
N ARG A 109 7.03 5.88 -11.05
CA ARG A 109 6.24 5.62 -12.23
C ARG A 109 5.92 4.14 -12.36
N VAL A 110 6.80 3.29 -11.82
CA VAL A 110 6.64 1.86 -11.99
C VAL A 110 5.47 1.39 -11.08
N MET A 111 5.02 2.26 -10.15
CA MET A 111 3.81 1.97 -9.38
CA MET A 111 3.84 1.84 -9.40
C MET A 111 2.60 1.76 -10.31
N ARG A 112 2.75 2.23 -11.56
CA ARG A 112 1.61 2.22 -12.48
C ARG A 112 1.32 0.78 -12.88
N LEU A 113 2.28 -0.14 -12.73
CA LEU A 113 2.01 -1.55 -12.91
C LEU A 113 0.81 -1.97 -12.05
N VAL A 114 0.65 -1.33 -10.89
CA VAL A 114 -0.40 -1.69 -9.97
C VAL A 114 -1.73 -1.09 -10.46
N SER A 115 -1.73 0.18 -10.88
CA SER A 115 -2.93 0.87 -11.33
C SER A 115 -3.45 0.32 -12.67
N VAL A 116 -2.58 -0.19 -13.54
CA VAL A 116 -2.96 -0.69 -14.84
C VAL A 116 -3.30 -2.19 -14.84
N ILE A 117 -2.72 -3.00 -13.95
CA ILE A 117 -3.04 -4.43 -13.95
C ILE A 117 -4.15 -4.72 -12.93
N PRO A 118 -5.37 -5.17 -13.37
CA PRO A 118 -6.50 -5.35 -12.46
C PRO A 118 -6.38 -6.22 -11.20
N THR A 119 -5.79 -7.43 -11.32
CA THR A 119 -5.53 -8.30 -10.19
C THR A 119 -4.58 -7.60 -9.19
N MET A 120 -3.61 -6.81 -9.70
CA MET A 120 -2.73 -6.08 -8.79
C MET A 120 -3.48 -4.93 -8.14
N ARG A 121 -4.35 -4.26 -8.92
CA ARG A 121 -5.12 -3.19 -8.33
C ARG A 121 -5.98 -3.69 -7.16
N ARG A 122 -6.49 -4.93 -7.30
CA ARG A 122 -7.40 -5.49 -6.31
C ARG A 122 -6.63 -5.87 -5.01
N VAL A 123 -5.38 -6.31 -5.13
CA VAL A 123 -4.55 -6.56 -3.95
C VAL A 123 -4.41 -5.24 -3.20
N VAL A 124 -4.04 -4.18 -3.93
CA VAL A 124 -3.84 -2.93 -3.23
C VAL A 124 -5.13 -2.43 -2.62
N GLN A 125 -6.25 -2.52 -3.39
CA GLN A 125 -7.58 -2.13 -2.91
C GLN A 125 -7.96 -2.87 -1.62
N GLY A 126 -7.72 -4.18 -1.59
CA GLY A 126 -8.04 -4.90 -0.35
C GLY A 126 -7.28 -4.34 0.87
N MET A 127 -6.00 -3.97 0.66
CA MET A 127 -5.14 -3.51 1.77
C MET A 127 -5.58 -2.13 2.22
N LEU A 128 -5.85 -1.24 1.25
CA LEU A 128 -6.37 0.07 1.62
C LEU A 128 -7.70 -0.10 2.36
N LEU A 129 -8.56 -0.98 1.81
CA LEU A 129 -9.88 -1.08 2.40
C LEU A 129 -9.80 -1.68 3.79
N ALA A 130 -8.74 -2.48 4.07
CA ALA A 130 -8.64 -3.04 5.43
C ALA A 130 -8.13 -2.04 6.47
N LEU A 131 -7.59 -0.89 6.06
CA LEU A 131 -6.94 0.01 7.01
C LEU A 131 -7.92 0.50 8.08
N PRO A 132 -9.13 1.04 7.74
CA PRO A 132 -10.10 1.45 8.77
C PRO A 132 -10.37 0.48 9.91
N GLY A 133 -10.53 -0.78 9.57
CA GLY A 133 -10.87 -1.72 10.62
C GLY A 133 -9.73 -2.02 11.59
N VAL A 134 -8.50 -1.58 11.30
CA VAL A 134 -7.45 -1.85 12.28
C VAL A 134 -7.00 -0.56 12.94
N GLY A 135 -7.74 0.53 12.68
CA GLY A 135 -7.35 1.88 13.07
C GLY A 135 -7.18 2.02 14.58
N SER A 136 -8.00 1.30 15.35
CA SER A 136 -7.89 1.33 16.79
C SER A 136 -6.69 0.56 17.31
N VAL A 137 -6.31 -0.53 16.62
CA VAL A 137 -5.18 -1.34 17.01
C VAL A 137 -3.92 -0.53 16.73
N ALA A 138 -3.91 0.21 15.63
CA ALA A 138 -2.81 1.05 15.22
C ALA A 138 -2.66 2.21 16.21
N ALA A 139 -3.79 2.82 16.59
CA ALA A 139 -3.75 3.91 17.53
C ALA A 139 -3.21 3.40 18.87
N LEU A 140 -3.61 2.19 19.30
CA LEU A 140 -3.10 1.70 20.56
C LEU A 140 -1.56 1.54 20.51
N LEU A 141 -1.06 0.98 19.40
CA LEU A 141 0.37 0.85 19.17
C LEU A 141 1.05 2.23 19.25
N THR A 142 0.50 3.21 18.52
CA THR A 142 0.98 4.59 18.54
C THR A 142 1.07 5.15 19.96
N VAL A 143 0.01 4.97 20.76
CA VAL A 143 0.01 5.44 22.13
C VAL A 143 1.14 4.78 22.95
N VAL A 144 1.26 3.46 22.83
CA VAL A 144 2.29 2.68 23.53
C VAL A 144 3.69 3.19 23.14
N PHE A 145 3.89 3.47 21.84
CA PHE A 145 5.16 3.98 21.36
C PHE A 145 5.47 5.32 22.00
N TYR A 146 4.48 6.23 22.01
CA TYR A 146 4.69 7.61 22.41
C TYR A 146 5.03 7.60 23.89
N ILE A 147 4.25 6.85 24.65
CA ILE A 147 4.51 6.83 26.08
C ILE A 147 5.90 6.24 26.32
N ALA A 148 6.21 5.11 25.65
CA ALA A 148 7.54 4.50 25.83
C ALA A 148 8.65 5.49 25.45
N ALA A 149 8.43 6.28 24.41
CA ALA A 149 9.51 7.13 23.96
C ALA A 149 9.81 8.29 24.90
N VAL A 150 8.74 8.84 25.49
CA VAL A 150 8.88 9.82 26.56
C VAL A 150 9.59 9.22 27.76
N MET A 151 9.14 8.08 28.24
CA MET A 151 9.82 7.54 29.41
C MET A 151 11.29 7.19 29.11
N ALA A 152 11.59 6.59 27.93
CA ALA A 152 12.98 6.19 27.63
C ALA A 152 13.91 7.42 27.60
N THR A 153 13.44 8.51 26.97
CA THR A 153 14.21 9.74 26.91
C THR A 153 14.54 10.24 28.33
N ASN A 154 13.53 10.30 29.23
CA ASN A 154 13.70 10.76 30.62
C ASN A 154 14.61 9.78 31.36
N LEU A 155 14.39 8.49 31.17
CA LEU A 155 15.16 7.52 31.95
C LEU A 155 16.62 7.49 31.47
N TYR A 156 16.87 7.56 30.15
CA TYR A 156 18.11 7.00 29.61
C TYR A 156 18.81 8.07 28.77
N GLY A 157 18.11 9.17 28.48
CA GLY A 157 18.67 10.15 27.56
C GLY A 157 20.03 10.76 27.98
N ALA A 158 20.24 10.97 29.28
CA ALA A 158 21.43 11.65 29.76
C ALA A 158 22.60 10.65 29.69
N THR A 159 22.33 9.38 29.98
CA THR A 159 23.40 8.43 30.05
C THR A 159 23.63 7.71 28.71
N PHE A 160 22.69 7.76 27.75
CA PHE A 160 22.73 7.03 26.48
C PHE A 160 22.20 7.95 25.40
N PRO A 161 22.80 9.13 25.21
CA PRO A 161 22.17 10.13 24.34
C PRO A 161 22.06 9.78 22.87
N GLU A 162 22.99 8.94 22.37
CA GLU A 162 22.92 8.51 20.97
C GLU A 162 21.61 7.73 20.71
N TRP A 163 21.12 7.02 21.73
CA TRP A 163 19.95 6.17 21.51
C TRP A 163 18.68 6.80 22.07
N PHE A 164 18.82 7.65 23.10
CA PHE A 164 17.63 8.11 23.78
C PHE A 164 17.70 9.60 24.10
N GLY A 165 18.62 10.34 23.44
CA GLY A 165 18.99 11.69 23.82
C GLY A 165 17.79 12.64 23.66
N ASP A 166 16.85 12.36 22.77
CA ASP A 166 15.67 13.19 22.55
C ASP A 166 14.56 12.26 22.05
N LEU A 167 13.35 12.79 21.87
CA LEU A 167 12.19 11.98 21.60
C LEU A 167 12.32 11.23 20.28
N SER A 168 12.85 11.89 19.27
CA SER A 168 13.10 11.33 17.95
C SER A 168 14.03 10.10 17.98
N LYS A 169 15.13 10.24 18.75
CA LYS A 169 16.12 9.21 18.96
C LYS A 169 15.43 8.02 19.61
N SER A 170 14.64 8.30 20.67
CA SER A 170 14.00 7.25 21.43
C SER A 170 12.99 6.48 20.59
N LEU A 171 12.23 7.18 19.74
CA LEU A 171 11.25 6.54 18.89
C LEU A 171 12.00 5.59 17.94
N TYR A 172 13.02 6.12 17.26
CA TYR A 172 13.86 5.29 16.38
C TYR A 172 14.36 4.01 17.10
N THR A 173 15.01 4.19 18.25
CA THR A 173 15.57 3.06 18.99
CA THR A 173 15.56 3.08 19.04
C THR A 173 14.46 2.07 19.40
N LEU A 174 13.30 2.59 19.84
CA LEU A 174 12.21 1.74 20.26
C LEU A 174 11.64 0.96 19.06
N PHE A 175 11.65 1.55 17.86
CA PHE A 175 11.21 0.84 16.67
C PHE A 175 12.18 -0.32 16.45
N GLN A 176 13.49 -0.03 16.55
CA GLN A 176 14.53 -1.05 16.38
C GLN A 176 14.31 -2.20 17.40
N VAL A 177 14.03 -1.81 18.65
CA VAL A 177 13.82 -2.75 19.75
C VAL A 177 12.59 -3.62 19.45
N MET A 178 11.49 -2.99 18.98
CA MET A 178 10.29 -3.74 18.64
C MET A 178 10.56 -4.75 17.52
N THR A 179 11.43 -4.41 16.54
CA THR A 179 11.75 -5.39 15.53
C THR A 179 12.73 -6.44 16.06
N LEU A 180 13.18 -6.33 17.34
CA LEU A 180 14.05 -7.33 17.95
C LEU A 180 15.48 -7.21 17.43
N GLU A 181 15.84 -6.14 16.71
CA GLU A 181 17.15 -6.09 16.06
C GLU A 181 18.23 -5.64 17.03
N SER A 182 19.20 -6.52 17.37
CA SER A 182 20.25 -6.27 18.34
C SER A 182 19.71 -5.71 19.65
N TRP A 183 18.46 -6.08 20.01
CA TRP A 183 17.81 -5.37 21.11
C TRP A 183 18.59 -5.56 22.41
N SER A 184 19.21 -6.73 22.55
CA SER A 184 19.84 -7.08 23.81
C SER A 184 21.33 -6.81 23.75
N MET A 185 22.05 -7.50 22.85
CA MET A 185 23.51 -7.31 22.82
C MET A 185 23.81 -5.86 22.45
N GLY A 186 22.95 -5.24 21.63
CA GLY A 186 23.36 -3.92 21.14
C GLY A 186 22.82 -2.75 22.00
N ILE A 187 21.62 -2.88 22.64
CA ILE A 187 20.95 -1.75 23.33
C ILE A 187 20.83 -2.10 24.84
N VAL A 188 20.10 -3.15 25.19
CA VAL A 188 19.64 -3.31 26.58
C VAL A 188 20.78 -3.78 27.51
N ARG A 189 21.64 -4.69 27.07
CA ARG A 189 22.75 -5.04 27.96
C ARG A 189 23.62 -3.81 28.24
N PRO A 190 24.03 -3.01 27.23
CA PRO A 190 24.82 -1.78 27.49
C PRO A 190 24.05 -0.89 28.47
N VAL A 191 22.73 -0.70 28.27
CA VAL A 191 21.94 0.16 29.17
C VAL A 191 21.97 -0.41 30.61
N MET A 192 21.85 -1.74 30.76
CA MET A 192 21.76 -2.32 32.07
C MET A 192 23.06 -2.23 32.86
N ASN A 193 24.22 -2.09 32.19
CA ASN A 193 25.49 -1.89 32.87
C ASN A 193 25.40 -0.59 33.66
N VAL A 194 24.63 0.37 33.18
CA VAL A 194 24.46 1.60 33.94
C VAL A 194 23.14 1.53 34.76
N HIS A 195 22.06 0.96 34.23
CA HIS A 195 20.77 0.99 34.92
C HIS A 195 20.28 -0.43 35.04
N PRO A 196 20.65 -1.13 36.11
CA PRO A 196 20.47 -2.58 36.18
C PRO A 196 19.01 -3.03 36.09
N ASN A 197 18.03 -2.14 36.30
CA ASN A 197 16.68 -2.69 36.24
C ASN A 197 16.03 -2.39 34.89
N ALA A 198 16.83 -1.94 33.91
CA ALA A 198 16.21 -1.46 32.67
C ALA A 198 15.42 -2.57 31.95
N TRP A 199 15.70 -3.87 32.25
CA TRP A 199 14.96 -4.97 31.67
C TRP A 199 13.48 -4.85 32.03
N VAL A 200 13.17 -4.18 33.15
CA VAL A 200 11.79 -4.01 33.64
C VAL A 200 11.03 -3.09 32.70
N PHE A 201 11.75 -2.17 32.04
CA PHE A 201 11.14 -1.33 31.01
C PHE A 201 11.09 -2.09 29.67
N PHE A 202 12.26 -2.64 29.20
CA PHE A 202 12.42 -3.09 27.81
C PHE A 202 11.67 -4.40 27.55
N ILE A 203 11.66 -5.35 28.50
CA ILE A 203 11.07 -6.65 28.20
C ILE A 203 9.52 -6.54 28.12
N PRO A 204 8.84 -5.82 29.04
CA PRO A 204 7.41 -5.51 28.83
C PRO A 204 7.13 -4.73 27.54
N PHE A 205 8.00 -3.75 27.21
CA PHE A 205 7.83 -3.03 25.97
C PHE A 205 7.80 -4.02 24.82
N ILE A 206 8.76 -4.96 24.77
CA ILE A 206 8.83 -5.91 23.68
C ILE A 206 7.56 -6.78 23.65
N MET A 207 7.15 -7.30 24.79
CA MET A 207 6.01 -8.21 24.84
C MET A 207 4.75 -7.55 24.30
N LEU A 208 4.54 -6.30 24.70
CA LEU A 208 3.33 -5.60 24.37
C LEU A 208 3.35 -5.16 22.91
N THR A 209 4.48 -4.62 22.42
CA THR A 209 4.51 -4.15 21.05
C THR A 209 4.52 -5.33 20.07
N THR A 210 5.15 -6.45 20.43
CA THR A 210 5.20 -7.52 19.44
C THR A 210 3.79 -8.10 19.36
N LEU A 211 3.10 -8.20 20.49
CA LEU A 211 1.72 -8.69 20.48
C LEU A 211 0.83 -7.76 19.62
N THR A 212 0.92 -6.43 19.83
CA THR A 212 0.07 -5.43 19.18
C THR A 212 0.36 -5.32 17.68
N VAL A 213 1.65 -5.29 17.30
CA VAL A 213 2.04 -5.26 15.90
C VAL A 213 1.55 -6.49 15.13
N LEU A 214 1.70 -7.66 15.73
CA LEU A 214 1.22 -8.84 15.05
C LEU A 214 -0.32 -8.82 14.96
N ASN A 215 -0.97 -8.32 16.01
CA ASN A 215 -2.42 -8.10 15.92
C ASN A 215 -2.74 -7.19 14.72
N LEU A 216 -2.03 -6.06 14.63
CA LEU A 216 -2.19 -5.12 13.54
C LEU A 216 -2.04 -5.83 12.19
N PHE A 217 -0.93 -6.57 12.02
CA PHE A 217 -0.57 -7.25 10.79
C PHE A 217 -1.64 -8.27 10.36
N ILE A 218 -1.92 -9.22 11.26
CA ILE A 218 -2.94 -10.25 11.07
C ILE A 218 -4.30 -9.61 10.72
N GLY A 219 -4.72 -8.56 11.41
CA GLY A 219 -6.00 -7.92 11.09
C GLY A 219 -6.01 -7.40 9.65
N ILE A 220 -4.91 -6.75 9.23
CA ILE A 220 -4.86 -6.20 7.89
C ILE A 220 -4.98 -7.36 6.91
N ILE A 221 -4.24 -8.44 7.16
CA ILE A 221 -4.03 -9.44 6.13
C ILE A 221 -5.32 -10.25 5.94
N VAL A 222 -5.92 -10.68 7.06
CA VAL A 222 -7.15 -11.46 7.05
C VAL A 222 -8.28 -10.71 6.33
N ASP A 223 -8.44 -9.42 6.63
CA ASP A 223 -9.42 -8.59 5.98
C ASP A 223 -9.07 -8.34 4.53
N ALA A 224 -7.81 -7.98 4.27
CA ALA A 224 -7.44 -7.60 2.90
C ALA A 224 -7.66 -8.81 2.01
N MET A 225 -7.33 -10.00 2.53
CA MET A 225 -7.53 -11.18 1.70
C MET A 225 -9.02 -11.40 1.37
N ALA A 226 -9.94 -11.09 2.30
CA ALA A 226 -11.37 -11.37 2.08
C ALA A 226 -11.94 -10.38 1.07
N ILE A 227 -11.68 -9.08 1.31
CA ILE A 227 -12.00 -8.01 0.39
C ILE A 227 -11.47 -8.30 -1.02
N THR A 228 -10.16 -8.52 -1.16
CA THR A 228 -9.60 -8.82 -2.46
C THR A 228 -10.39 -9.96 -3.12
N LYS A 229 -10.79 -10.95 -2.32
CA LYS A 229 -11.30 -12.20 -2.90
C LYS A 229 -12.72 -11.99 -3.45
N GLU A 230 -13.49 -11.13 -2.77
CA GLU A 230 -14.80 -10.70 -3.17
C GLU A 230 -14.70 -9.83 -4.43
N GLN A 231 -13.68 -8.97 -4.50
CA GLN A 231 -13.43 -8.15 -5.67
C GLN A 231 -13.13 -8.99 -6.91
N GLU A 232 -12.38 -10.08 -6.74
CA GLU A 232 -11.99 -10.96 -7.83
C GLU A 232 -13.21 -11.70 -8.36
N GLU A 233 -14.17 -11.99 -7.46
CA GLU A 233 -15.40 -12.70 -7.75
C GLU A 233 -16.32 -11.79 -8.55
N GLU A 234 -16.61 -10.58 -8.02
CA GLU A 234 -17.41 -9.56 -8.68
C GLU A 234 -16.83 -9.19 -10.05
N ALA A 235 -15.50 -9.09 -10.15
CA ALA A 235 -14.84 -8.82 -11.43
C ALA A 235 -15.11 -9.92 -12.47
N LYS A 236 -15.35 -11.15 -12.03
CA LYS A 236 -15.45 -12.31 -12.92
C LYS A 236 -16.90 -12.67 -13.21
N THR A 237 -17.83 -12.39 -12.28
CA THR A 237 -19.18 -12.92 -12.35
C THR A 237 -20.22 -11.84 -12.03
N GLY A 238 -19.75 -10.68 -11.56
CA GLY A 238 -20.64 -9.54 -11.34
C GLY A 238 -21.20 -9.53 -9.93
N HIS A 239 -21.03 -10.65 -9.21
CA HIS A 239 -21.44 -10.73 -7.81
C HIS A 239 -20.39 -11.51 -7.00
N HIS A 240 -20.52 -11.45 -5.68
CA HIS A 240 -19.69 -12.25 -4.79
C HIS A 240 -20.53 -13.33 -4.09
N GLN A 241 -19.82 -14.26 -3.43
CA GLN A 241 -20.40 -15.23 -2.51
C GLN A 241 -21.18 -14.52 -1.40
N GLU A 242 -22.42 -14.98 -1.16
CA GLU A 242 -23.15 -14.52 0.00
C GLU A 242 -22.54 -15.16 1.25
N PRO A 243 -22.23 -14.35 2.30
CA PRO A 243 -21.77 -14.90 3.58
C PRO A 243 -22.72 -15.98 4.11
N ILE A 244 -22.15 -17.02 4.73
CA ILE A 244 -22.87 -18.18 5.27
C ILE A 244 -24.08 -17.69 6.09
N SER A 245 -23.89 -16.57 6.82
CA SER A 245 -24.85 -16.04 7.80
C SER A 245 -26.13 -15.56 7.12
N GLN A 246 -25.98 -15.00 5.92
CA GLN A 246 -27.10 -14.59 5.10
C GLN A 246 -27.76 -15.84 4.46
N THR A 247 -26.97 -16.87 4.11
CA THR A 247 -27.47 -18.11 3.52
C THR A 247 -28.40 -18.83 4.51
N LEU A 248 -28.03 -18.77 5.80
CA LEU A 248 -28.73 -19.39 6.93
C LEU A 248 -29.99 -18.59 7.28
N LEU A 249 -29.90 -17.27 7.07
CA LEU A 249 -31.00 -16.32 7.19
C LEU A 249 -32.12 -16.69 6.22
N HIS A 250 -31.76 -16.89 4.94
CA HIS A 250 -32.69 -17.20 3.86
C HIS A 250 -33.28 -18.61 4.03
N LEU A 251 -32.49 -19.51 4.62
CA LEU A 251 -32.93 -20.86 4.95
C LEU A 251 -33.97 -20.80 6.07
N GLY A 252 -33.75 -19.88 7.02
CA GLY A 252 -34.70 -19.55 8.07
C GLY A 252 -36.02 -19.00 7.54
N ASP A 253 -35.98 -18.32 6.39
CA ASP A 253 -37.14 -17.75 5.74
C ASP A 253 -37.96 -18.83 5.05
N ARG A 254 -37.30 -19.77 4.34
CA ARG A 254 -37.97 -20.85 3.64
C ARG A 254 -38.64 -21.78 4.66
N LEU A 255 -38.09 -21.83 5.88
CA LEU A 255 -38.65 -22.65 6.94
C LEU A 255 -39.89 -22.00 7.52
N ASP A 256 -39.89 -20.66 7.59
CA ASP A 256 -41.02 -19.89 8.11
C ASP A 256 -42.21 -20.00 7.16
N ARG A 257 -41.92 -20.05 5.85
CA ARG A 257 -42.93 -20.00 4.81
C ARG A 257 -43.55 -21.38 4.58
N ILE A 258 -42.96 -22.43 5.17
CA ILE A 258 -43.56 -23.76 5.08
C ILE A 258 -44.11 -24.19 6.44
N GLU A 259 -43.82 -23.40 7.47
CA GLU A 259 -44.40 -23.60 8.79
C GLU A 259 -45.77 -22.92 8.82
N LYS A 260 -45.83 -21.74 8.18
CA LYS A 260 -46.99 -20.88 8.06
C LYS A 260 -47.99 -21.47 7.07
N GLN A 261 -47.47 -22.12 6.02
CA GLN A 261 -48.24 -22.74 4.95
C GLN A 261 -48.95 -23.98 5.48
N LEU A 262 -48.32 -24.67 6.44
CA LEU A 262 -48.88 -25.87 7.05
C LEU A 262 -49.63 -25.49 8.34
N ALA A 263 -50.52 -24.49 8.22
CA ALA A 263 -51.46 -24.11 9.25
C ALA A 263 -52.68 -25.02 9.18
N GLN A 264 -53.02 -25.45 7.96
CA GLN A 264 -54.18 -26.28 7.68
C GLN A 264 -53.78 -27.48 6.80
NA NA B . 13.52 -12.03 13.77
NA NA C . 18.66 -10.42 14.55
NA NA D . 20.71 -9.77 14.86
C4 657 E . 7.92 -6.92 14.72
N2 657 E . 8.64 -10.36 16.10
C7 657 E . 6.96 -3.60 11.55
C6 657 E . 7.62 -5.15 13.14
C8 657 E . 8.44 -9.22 15.45
C1 657 E . 8.01 -6.02 12.10
C2 657 E . 8.30 -7.32 12.37
C3 657 E . 8.28 -7.79 13.70
C5 657 E . 7.62 -5.59 14.45
O1 657 E . 7.31 -3.83 12.80
F1 657 E . 6.43 -2.37 11.31
F2 657 E . 6.07 -4.49 11.16
F3 657 E . 8.00 -3.80 10.78
S1 657 E . 7.97 -7.78 16.15
N1 657 E . 8.58 -9.08 14.15
C9 2CV F . 12.94 -12.51 32.01
C12 2CV F . 13.24 -11.74 33.29
C15 2CV F . 14.68 -11.43 33.55
C18 2CV F . 15.03 -11.00 34.95
C21 2CV F . 16.19 -10.05 34.96
C24 2CV F . 17.08 -10.16 36.19
C27 2CV F . 16.86 -9.08 37.16
C30 2CV F . 17.96 -8.85 38.19
N33 2CV F . 19.19 -8.47 37.80
O34 2CV F . 17.67 -8.95 39.39
C35 2CV F . 20.31 -8.40 38.77
C36 2CV F . 19.53 -8.06 36.42
C37 2CV F . 19.61 -9.25 35.47
C40 2CV F . 20.98 -9.58 34.84
C41 2CV F . 22.18 -8.64 35.07
C42 2CV F . 23.14 -8.43 33.87
C43 2CV F . 24.48 -9.17 34.03
O44 2CV F . 25.11 -9.69 32.84
O47 2CV F . 18.64 -9.04 34.47
O49 2CV F . 20.76 -10.00 33.49
O51 2CV F . 22.91 -8.95 36.30
O53 2CV F . 23.37 -6.99 33.80
C60 2CV F . 20.46 -7.05 39.45
O63 2CV F . 19.20 -6.61 39.95
C1 2CV F . 11.61 -13.22 32.14
C0 2CV F . 10.97 -13.87 30.93
C1 PG6 G . 3.69 1.33 28.33
O1 PG6 G . 5.11 1.54 28.33
C2 PG6 G . 5.86 0.50 27.72
C3 PG6 G . 6.01 -0.63 28.66
O2 PG6 G . 6.63 -0.12 29.84
C4 PG6 G . 6.72 -1.13 30.85
C5 PG6 G . 6.36 -0.63 32.24
O3 PG6 G . 7.34 0.28 32.72
C6 PG6 G . 8.03 -0.18 33.88
C7 PG6 G . 8.49 1.02 34.68
O4 PG6 G . 9.85 1.34 34.39
C8 PG6 G . 10.62 1.44 35.59
C9 PG6 G . 11.88 0.69 35.44
O5 PG6 G . 12.89 1.61 35.09
C10 PG6 G . 13.99 1.58 36.00
C11 PG6 G . 15.20 0.97 35.31
O6 PG6 G . 15.77 1.90 34.40
C12 PG6 G . 16.32 3.06 35.06
CL CL H . 18.15 0.80 37.11
CL CL I . 14.66 7.04 -10.79
#